data_7OD9
#
_entry.id   7OD9
#
_cell.length_a   56.290
_cell.length_b   70.870
_cell.length_c   59.820
_cell.angle_alpha   90.000
_cell.angle_beta   91.603
_cell.angle_gamma   90.000
#
_symmetry.space_group_name_H-M   'P 1 21 1'
#
loop_
_entity.id
_entity.type
_entity.pdbx_description
1 polymer 'Response regulator receiver protein'
2 polymer 'C-terminal domain of CheF from Methanococcus maripaludis'
3 non-polymer 'MAGNESIUM ION'
4 non-polymer 'BERYLLIUM TRIFLUORIDE ION'
5 water water
#
loop_
_entity_poly.entity_id
_entity_poly.type
_entity_poly.pdbx_seq_one_letter_code
_entity_poly.pdbx_strand_id
1 'polypeptide(L)'
;MGHHHHHHSIVKTMIVDDSAFMRNILKRILSTTNKYVVIGEAANGADAIKMAEELQPDLISMDIVMPETDGITATKAIKE
KTPEIKIVMCTSVDQEQKMIDAVNAGADGYIVKPFQAPKILEQFNKLFPVLFQGPSAGLVPR
;
B,A
2 'polypeptide(L)'
;GSGGIEGGSMGTIKSLLPKSEDDLDSEMAVESWSGDKLKNEVEQLAPEEQEILTAIYTGITSLELPGMMGMDIDEVEKVL
EKLIDQGFLDLVRIRKETDLTEKGRAVTNFIITNF
;
C,F
#
# COMPACT_ATOMS: atom_id res chain seq x y z
N HIS A 7 16.08 11.06 9.30
CA HIS A 7 14.92 11.37 10.12
C HIS A 7 14.01 10.15 10.28
N HIS A 8 14.17 9.19 9.36
CA HIS A 8 13.48 7.89 9.30
C HIS A 8 12.06 8.01 8.76
N SER A 9 11.58 9.21 8.43
CA SER A 9 10.24 9.31 7.82
C SER A 9 10.19 8.69 6.44
N ILE A 10 11.34 8.55 5.77
CA ILE A 10 11.44 7.89 4.47
C ILE A 10 12.67 6.99 4.51
N VAL A 11 12.48 5.69 4.28
CA VAL A 11 13.56 4.71 4.35
C VAL A 11 13.73 4.13 2.95
N LYS A 12 14.78 4.56 2.24
CA LYS A 12 15.09 3.97 0.95
C LYS A 12 15.49 2.51 1.14
N THR A 13 14.69 1.61 0.58
CA THR A 13 14.83 0.19 0.83
C THR A 13 15.19 -0.55 -0.45
N MET A 14 16.01 -1.58 -0.32
CA MET A 14 16.47 -2.40 -1.43
C MET A 14 16.22 -3.85 -1.07
N ILE A 15 15.49 -4.57 -1.93
CA ILE A 15 15.06 -5.93 -1.67
C ILE A 15 15.93 -6.88 -2.46
N VAL A 16 16.60 -7.80 -1.76
CA VAL A 16 17.54 -8.73 -2.38
C VAL A 16 17.03 -10.14 -2.13
N ASP A 17 16.53 -10.79 -3.18
CA ASP A 17 16.11 -12.18 -3.13
C ASP A 17 16.05 -12.71 -4.55
N ASP A 18 16.48 -13.96 -4.74
CA ASP A 18 16.41 -14.57 -6.07
C ASP A 18 15.00 -15.00 -6.44
N SER A 19 14.12 -15.18 -5.45
CA SER A 19 12.72 -15.50 -5.72
C SER A 19 11.99 -14.21 -6.05
N ALA A 20 11.55 -14.08 -7.30
CA ALA A 20 10.80 -12.89 -7.70
C ALA A 20 9.50 -12.76 -6.90
N PHE A 21 8.85 -13.89 -6.63
CA PHE A 21 7.61 -13.85 -5.85
C PHE A 21 7.87 -13.35 -4.44
N MET A 22 8.95 -13.82 -3.80
CA MET A 22 9.30 -13.33 -2.47
C MET A 22 9.62 -11.84 -2.49
N ARG A 23 10.34 -11.39 -3.51
CA ARG A 23 10.56 -9.96 -3.69
C ARG A 23 9.25 -9.22 -3.82
N ASN A 24 8.30 -9.79 -4.56
CA ASN A 24 6.97 -9.19 -4.67
C ASN A 24 6.23 -9.20 -3.33
N ILE A 25 6.45 -10.23 -2.51
CA ILE A 25 5.87 -10.25 -1.17
C ILE A 25 6.32 -9.03 -0.39
N LEU A 26 7.64 -8.85 -0.27
CA LEU A 26 8.20 -7.73 0.46
C LEU A 26 7.81 -6.39 -0.12
N LYS A 27 7.35 -6.35 -1.37
CA LYS A 27 6.96 -5.08 -1.97
C LYS A 27 5.54 -4.70 -1.58
N ARG A 28 4.62 -5.67 -1.52
CA ARG A 28 3.28 -5.38 -1.01
C ARG A 28 3.34 -4.90 0.43
N ILE A 29 4.14 -5.57 1.26
CA ILE A 29 4.23 -5.23 2.68
C ILE A 29 4.73 -3.80 2.85
N LEU A 30 5.84 -3.47 2.18
CA LEU A 30 6.43 -2.14 2.35
C LEU A 30 5.63 -1.05 1.64
N SER A 31 4.80 -1.42 0.66
CA SER A 31 4.05 -0.42 -0.09
C SER A 31 3.00 0.25 0.79
N THR A 32 2.31 -0.53 1.64
CA THR A 32 1.27 0.05 2.49
C THR A 32 1.87 1.01 3.52
N THR A 33 3.12 0.81 3.91
CA THR A 33 3.76 1.73 4.82
C THR A 33 4.03 3.07 4.14
N ASN A 34 4.09 4.12 4.93
CA ASN A 34 4.33 5.47 4.44
C ASN A 34 5.80 5.85 4.48
N LYS A 35 6.69 4.92 4.75
CA LYS A 35 8.10 5.29 4.86
C LYS A 35 9.01 4.45 3.98
N TYR A 36 8.72 3.15 3.83
CA TYR A 36 9.62 2.25 3.12
C TYR A 36 9.35 2.34 1.62
N VAL A 37 10.33 2.86 0.88
CA VAL A 37 10.24 3.04 -0.56
C VAL A 37 11.26 2.11 -1.20
N VAL A 38 10.78 1.09 -1.90
CA VAL A 38 11.65 0.11 -2.54
C VAL A 38 12.35 0.79 -3.72
N ILE A 39 13.63 1.14 -3.54
CA ILE A 39 14.36 1.84 -4.59
C ILE A 39 15.17 0.92 -5.48
N GLY A 40 15.09 -0.39 -5.28
CA GLY A 40 15.84 -1.31 -6.12
C GLY A 40 15.60 -2.74 -5.70
N GLU A 41 15.92 -3.64 -6.63
CA GLU A 41 15.84 -5.08 -6.40
C GLU A 41 17.03 -5.76 -7.05
N ALA A 42 17.61 -6.72 -6.33
CA ALA A 42 18.69 -7.56 -6.85
C ALA A 42 18.29 -9.01 -6.79
N ALA A 43 18.62 -9.76 -7.85
CA ALA A 43 18.30 -11.18 -7.91
C ALA A 43 19.44 -12.08 -7.44
N ASN A 44 20.67 -11.56 -7.42
CA ASN A 44 21.82 -12.32 -6.93
C ASN A 44 22.66 -11.42 -6.02
N GLY A 45 23.49 -12.05 -5.19
CA GLY A 45 24.31 -11.30 -4.26
C GLY A 45 25.32 -10.40 -4.94
N ALA A 46 25.81 -10.80 -6.12
CA ALA A 46 26.73 -9.94 -6.86
C ALA A 46 26.05 -8.65 -7.29
N ASP A 47 24.80 -8.75 -7.75
CA ASP A 47 24.06 -7.54 -8.09
C ASP A 47 23.69 -6.76 -6.83
N ALA A 48 23.43 -7.46 -5.72
CA ALA A 48 23.15 -6.80 -4.46
C ALA A 48 24.32 -5.94 -4.02
N ILE A 49 25.54 -6.47 -4.16
CA ILE A 49 26.73 -5.71 -3.79
C ILE A 49 26.84 -4.44 -4.61
N LYS A 50 26.68 -4.57 -5.93
CA LYS A 50 26.87 -3.42 -6.81
C LYS A 50 25.74 -2.41 -6.67
N MET A 51 24.50 -2.89 -6.58
CA MET A 51 23.36 -1.98 -6.50
C MET A 51 23.38 -1.19 -5.19
N ALA A 52 23.73 -1.83 -4.08
CA ALA A 52 23.90 -1.10 -2.83
C ALA A 52 25.01 -0.07 -2.94
N GLU A 53 26.07 -0.40 -3.67
CA GLU A 53 27.13 0.56 -3.94
C GLU A 53 26.60 1.77 -4.69
N GLU A 54 25.80 1.53 -5.74
CA GLU A 54 25.36 2.61 -6.62
C GLU A 54 24.16 3.35 -6.06
N LEU A 55 23.20 2.63 -5.46
CA LEU A 55 21.95 3.23 -5.03
C LEU A 55 21.98 3.71 -3.58
N GLN A 56 22.95 3.26 -2.78
CA GLN A 56 23.13 3.69 -1.39
C GLN A 56 21.82 3.62 -0.59
N PRO A 57 21.16 2.48 -0.54
CA PRO A 57 19.88 2.40 0.18
C PRO A 57 20.09 2.57 1.68
N ASP A 58 19.01 2.98 2.35
CA ASP A 58 19.04 3.03 3.80
C ASP A 58 18.96 1.64 4.42
N LEU A 59 18.34 0.70 3.72
CA LEU A 59 18.03 -0.60 4.29
C LEU A 59 17.97 -1.64 3.17
N ILE A 60 18.51 -2.83 3.44
CA ILE A 60 18.52 -3.92 2.49
C ILE A 60 17.89 -5.14 3.14
N SER A 61 16.83 -5.66 2.52
CA SER A 61 16.29 -6.98 2.87
C SER A 61 17.07 -8.01 2.08
N MET A 62 17.74 -8.92 2.79
CA MET A 62 18.79 -9.74 2.19
C MET A 62 18.49 -11.23 2.37
N ASP A 63 18.12 -11.89 1.27
CA ASP A 63 18.07 -13.34 1.24
C ASP A 63 19.49 -13.90 1.31
N ILE A 64 19.60 -15.18 1.67
CA ILE A 64 20.91 -15.82 1.80
C ILE A 64 21.17 -16.74 0.61
N VAL A 65 20.29 -17.72 0.39
CA VAL A 65 20.51 -18.73 -0.64
C VAL A 65 20.12 -18.12 -1.98
N MET A 66 21.12 -17.72 -2.76
CA MET A 66 20.92 -17.00 -4.00
C MET A 66 22.03 -17.37 -4.96
N PRO A 67 21.82 -17.20 -6.27
CA PRO A 67 22.88 -17.53 -7.24
C PRO A 67 24.06 -16.57 -7.12
N GLU A 68 25.15 -16.97 -7.77
CA GLU A 68 26.34 -16.15 -7.94
C GLU A 68 27.04 -15.85 -6.62
N THR A 69 26.36 -15.15 -5.71
CA THR A 69 26.92 -14.85 -4.40
C THR A 69 25.81 -14.90 -3.37
N ASP A 70 26.11 -15.49 -2.21
CA ASP A 70 25.13 -15.62 -1.15
C ASP A 70 24.91 -14.27 -0.46
N GLY A 71 23.91 -14.24 0.43
CA GLY A 71 23.57 -13.01 1.11
C GLY A 71 24.51 -12.64 2.24
N ILE A 72 25.08 -13.62 2.93
CA ILE A 72 26.04 -13.33 3.99
C ILE A 72 27.31 -12.72 3.39
N THR A 73 27.81 -13.29 2.30
CA THR A 73 28.94 -12.69 1.60
C THR A 73 28.58 -11.31 1.08
N ALA A 74 27.34 -11.13 0.61
CA ALA A 74 26.88 -9.82 0.18
C ALA A 74 26.77 -8.87 1.36
N THR A 75 26.13 -9.32 2.45
CA THR A 75 26.02 -8.51 3.65
C THR A 75 27.38 -7.99 4.09
N LYS A 76 28.38 -8.87 4.11
CA LYS A 76 29.71 -8.47 4.56
C LYS A 76 30.36 -7.48 3.60
N ALA A 77 30.32 -7.78 2.30
CA ALA A 77 30.98 -6.92 1.33
C ALA A 77 30.33 -5.55 1.27
N ILE A 78 29.00 -5.48 1.38
CA ILE A 78 28.31 -4.19 1.40
C ILE A 78 28.68 -3.42 2.66
N LYS A 79 28.91 -4.12 3.78
CA LYS A 79 29.14 -3.45 5.05
C LYS A 79 30.54 -2.89 5.19
N GLU A 80 31.54 -3.52 4.57
CA GLU A 80 32.88 -2.96 4.64
C GLU A 80 33.06 -1.76 3.71
N LYS A 81 32.18 -1.59 2.72
CA LYS A 81 32.08 -0.31 2.01
C LYS A 81 31.09 0.58 2.74
N THR A 82 29.84 0.14 2.85
CA THR A 82 28.83 0.97 3.47
C THR A 82 28.39 0.40 4.82
N PRO A 83 29.14 0.60 5.89
CA PRO A 83 28.65 0.20 7.22
C PRO A 83 27.40 0.94 7.64
N GLU A 84 27.12 2.10 7.06
CA GLU A 84 25.91 2.85 7.44
C GLU A 84 24.64 2.21 6.93
N ILE A 85 24.73 1.33 5.93
CA ILE A 85 23.55 0.64 5.43
C ILE A 85 23.09 -0.39 6.45
N LYS A 86 21.80 -0.38 6.76
CA LYS A 86 21.21 -1.41 7.60
C LYS A 86 20.80 -2.59 6.72
N ILE A 87 21.23 -3.78 7.09
CA ILE A 87 20.92 -4.99 6.33
C ILE A 87 20.19 -5.96 7.25
N VAL A 88 19.04 -6.44 6.81
CA VAL A 88 18.22 -7.39 7.55
C VAL A 88 18.12 -8.65 6.71
N MET A 89 18.66 -9.75 7.23
CA MET A 89 18.56 -11.02 6.52
C MET A 89 17.11 -11.48 6.48
N CYS A 90 16.62 -11.77 5.28
CA CYS A 90 15.28 -12.29 5.07
C CYS A 90 15.45 -13.61 4.33
N THR A 91 15.49 -14.70 5.09
CA THR A 91 15.89 -15.99 4.54
C THR A 91 15.07 -17.10 5.18
N SER A 92 15.06 -18.25 4.51
CA SER A 92 14.43 -19.45 5.04
C SER A 92 15.41 -20.36 5.75
N VAL A 93 16.70 -20.04 5.73
CA VAL A 93 17.67 -20.83 6.48
C VAL A 93 17.52 -20.51 7.96
N ASP A 94 17.17 -21.52 8.76
CA ASP A 94 16.94 -21.34 10.19
C ASP A 94 18.04 -21.96 11.03
N GLN A 95 19.10 -22.46 10.41
CA GLN A 95 20.18 -23.05 11.19
C GLN A 95 20.96 -21.95 11.90
N GLU A 96 21.09 -22.11 13.22
CA GLU A 96 21.60 -21.04 14.06
C GLU A 96 23.02 -20.64 13.69
N GLN A 97 23.77 -21.53 13.05
CA GLN A 97 25.13 -21.20 12.64
C GLN A 97 25.13 -20.13 11.55
N LYS A 98 24.45 -20.39 10.44
CA LYS A 98 24.30 -19.40 9.38
C LYS A 98 23.88 -18.05 9.93
N MET A 99 23.07 -18.07 10.99
CA MET A 99 22.53 -16.86 11.58
C MET A 99 23.60 -16.13 12.37
N ILE A 100 24.40 -16.87 13.15
CA ILE A 100 25.59 -16.31 13.77
C ILE A 100 26.52 -15.72 12.71
N ASP A 101 26.67 -16.43 11.58
CA ASP A 101 27.52 -15.93 10.51
C ASP A 101 26.98 -14.64 9.92
N ALA A 102 25.65 -14.54 9.77
CA ALA A 102 25.05 -13.32 9.22
C ALA A 102 25.30 -12.13 10.15
N VAL A 103 25.06 -12.32 11.45
CA VAL A 103 25.28 -11.24 12.41
C VAL A 103 26.75 -10.84 12.43
N ASN A 104 27.65 -11.82 12.35
CA ASN A 104 29.08 -11.51 12.32
C ASN A 104 29.50 -10.85 11.02
N ALA A 105 28.75 -11.06 9.93
CA ALA A 105 29.03 -10.37 8.68
C ALA A 105 28.57 -8.92 8.69
N GLY A 106 27.65 -8.56 9.58
CA GLY A 106 27.20 -7.19 9.69
C GLY A 106 25.69 -7.06 9.74
N ALA A 107 24.98 -8.18 9.58
CA ALA A 107 23.53 -8.14 9.55
C ALA A 107 22.96 -7.53 10.82
N ASP A 108 22.08 -6.54 10.65
CA ASP A 108 21.42 -5.90 11.78
C ASP A 108 20.09 -6.57 12.13
N GLY A 109 19.54 -7.38 11.22
CA GLY A 109 18.31 -8.07 11.48
C GLY A 109 18.34 -9.47 10.87
N TYR A 110 17.36 -10.27 11.28
CA TYR A 110 17.28 -11.66 10.79
C TYR A 110 15.83 -12.11 10.94
N ILE A 111 15.16 -12.33 9.82
CA ILE A 111 13.79 -12.83 9.81
C ILE A 111 13.76 -14.14 9.05
N VAL A 112 13.01 -15.10 9.57
CA VAL A 112 12.96 -16.45 9.01
C VAL A 112 11.65 -16.62 8.24
N LYS A 113 11.77 -17.02 6.98
CA LYS A 113 10.57 -17.35 6.22
C LYS A 113 10.09 -18.75 6.61
N PRO A 114 8.77 -18.96 6.71
CA PRO A 114 7.74 -17.96 6.44
C PRO A 114 7.57 -16.97 7.59
N PHE A 115 7.29 -15.72 7.24
CA PHE A 115 7.13 -14.65 8.23
C PHE A 115 5.80 -13.97 8.01
N GLN A 116 5.27 -13.37 9.07
CA GLN A 116 4.09 -12.53 8.97
C GLN A 116 4.51 -11.08 8.76
N ALA A 117 3.77 -10.38 7.92
CA ALA A 117 4.12 -9.00 7.55
C ALA A 117 4.33 -8.07 8.73
N PRO A 118 3.47 -8.04 9.76
CA PRO A 118 3.74 -7.12 10.88
C PRO A 118 5.07 -7.42 11.57
N LYS A 119 5.49 -8.68 11.59
CA LYS A 119 6.74 -9.02 12.26
C LYS A 119 7.96 -8.47 11.52
N ILE A 120 7.89 -8.37 10.19
CA ILE A 120 9.04 -7.83 9.47
C ILE A 120 9.02 -6.31 9.47
N LEU A 121 7.84 -5.70 9.55
CA LEU A 121 7.78 -4.25 9.78
C LEU A 121 8.20 -3.92 11.20
N GLU A 122 7.73 -4.70 12.18
CA GLU A 122 8.26 -4.60 13.54
C GLU A 122 9.77 -4.79 13.54
N GLN A 123 10.26 -5.73 12.73
CA GLN A 123 11.70 -5.87 12.53
C GLN A 123 12.30 -4.58 11.98
N PHE A 124 11.78 -4.12 10.84
CA PHE A 124 12.37 -2.95 10.18
C PHE A 124 12.26 -1.69 11.03
N ASN A 125 11.16 -1.55 11.78
CA ASN A 125 10.92 -0.31 12.50
C ASN A 125 11.83 -0.13 13.72
N LYS A 126 12.46 -1.22 14.19
CA LYS A 126 13.48 -1.05 15.23
C LYS A 126 14.69 -0.30 14.70
N LEU A 127 15.10 -0.60 13.47
CA LEU A 127 16.26 0.07 12.90
C LEU A 127 15.94 1.49 12.47
N PHE A 128 14.69 1.77 12.11
CA PHE A 128 14.26 3.09 11.66
C PHE A 128 12.98 3.47 12.38
N PRO A 129 13.07 3.81 13.67
CA PRO A 129 11.87 4.10 14.45
C PRO A 129 11.32 5.49 14.16
N VAL A 130 10.03 5.64 14.45
CA VAL A 130 9.42 6.96 14.44
C VAL A 130 10.08 7.80 15.52
N LEU A 131 10.66 8.92 15.12
CA LEU A 131 11.43 9.78 16.03
C LEU A 131 10.60 11.01 16.36
N PHE A 132 10.33 11.21 17.64
CA PHE A 132 9.48 12.31 18.11
C PHE A 132 10.35 13.46 18.61
N GLN A 133 10.07 14.66 18.12
CA GLN A 133 10.74 15.87 18.55
C GLN A 133 9.94 16.63 19.61
N GLY A 134 8.72 16.19 19.91
CA GLY A 134 7.88 16.88 20.86
C GLY A 134 6.73 17.59 20.19
N PRO A 135 5.62 17.74 20.91
CA PRO A 135 4.47 18.54 20.45
C PRO A 135 4.85 20.01 20.27
N SER B 9 13.05 7.68 -7.44
CA SER B 9 12.30 8.93 -7.37
C SER B 9 11.33 8.91 -6.19
N ILE B 10 11.55 9.81 -5.24
CA ILE B 10 10.70 9.95 -4.06
C ILE B 10 10.18 11.38 -4.00
N VAL B 11 8.87 11.52 -3.87
CA VAL B 11 8.22 12.82 -3.88
C VAL B 11 7.64 13.03 -2.48
N LYS B 12 8.31 13.87 -1.68
CA LYS B 12 7.75 14.30 -0.40
C LYS B 12 6.46 15.07 -0.68
N THR B 13 5.32 14.52 -0.26
CA THR B 13 4.02 15.02 -0.66
C THR B 13 3.24 15.50 0.55
N MET B 14 2.53 16.61 0.38
CA MET B 14 1.70 17.22 1.42
C MET B 14 0.27 17.30 0.91
N ILE B 15 -0.68 16.91 1.74
CA ILE B 15 -2.08 16.85 1.35
C ILE B 15 -2.85 17.90 2.14
N VAL B 16 -3.49 18.82 1.44
CA VAL B 16 -4.21 19.94 2.05
C VAL B 16 -5.66 19.87 1.61
N ASP B 17 -6.56 19.66 2.56
CA ASP B 17 -7.99 19.58 2.32
C ASP B 17 -8.72 19.62 3.64
N ASP B 18 -9.82 20.36 3.69
CA ASP B 18 -10.63 20.41 4.90
C ASP B 18 -11.43 19.13 5.11
N SER B 19 -11.65 18.35 4.06
CA SER B 19 -12.37 17.09 4.16
C SER B 19 -11.37 16.01 4.58
N ALA B 20 -11.56 15.48 5.80
CA ALA B 20 -10.66 14.45 6.30
C ALA B 20 -10.73 13.20 5.41
N PHE B 21 -11.94 12.78 5.05
CA PHE B 21 -12.10 11.65 4.16
C PHE B 21 -11.40 11.86 2.84
N MET B 22 -11.24 13.12 2.42
CA MET B 22 -10.61 13.39 1.13
C MET B 22 -9.09 13.37 1.22
N ARG B 23 -8.52 13.83 2.34
CA ARG B 23 -7.10 13.55 2.58
C ARG B 23 -6.87 12.05 2.69
N ASN B 24 -7.86 11.32 3.23
CA ASN B 24 -7.74 9.86 3.32
C ASN B 24 -7.74 9.20 1.95
N ILE B 25 -8.66 9.62 1.07
CA ILE B 25 -8.67 9.10 -0.29
C ILE B 25 -7.34 9.38 -0.97
N LEU B 26 -6.83 10.61 -0.82
CA LEU B 26 -5.59 10.98 -1.48
C LEU B 26 -4.40 10.24 -0.91
N LYS B 27 -4.44 9.89 0.38
CA LYS B 27 -3.36 9.11 0.97
C LYS B 27 -3.40 7.65 0.50
N ARG B 28 -4.59 7.05 0.52
CA ARG B 28 -4.72 5.65 0.10
C ARG B 28 -4.28 5.47 -1.36
N ILE B 29 -4.53 6.48 -2.20
CA ILE B 29 -4.13 6.40 -3.60
C ILE B 29 -2.61 6.53 -3.73
N LEU B 30 -2.02 7.45 -2.97
CA LEU B 30 -0.57 7.62 -3.01
C LEU B 30 0.17 6.50 -2.29
N SER B 31 -0.52 5.68 -1.51
CA SER B 31 0.14 4.61 -0.79
C SER B 31 0.57 3.49 -1.73
N THR B 32 -0.26 3.17 -2.73
CA THR B 32 0.09 2.11 -3.68
C THR B 32 1.25 2.49 -4.58
N THR B 33 1.57 3.78 -4.68
CA THR B 33 2.73 4.21 -5.44
C THR B 33 4.00 3.96 -4.64
N ASN B 34 5.09 3.72 -5.35
CA ASN B 34 6.41 3.64 -4.75
C ASN B 34 7.14 4.97 -4.82
N LYS B 35 6.41 6.07 -4.93
CA LYS B 35 6.97 7.40 -5.10
C LYS B 35 6.53 8.36 -4.00
N TYR B 36 5.23 8.49 -3.78
CA TYR B 36 4.68 9.60 -3.04
C TYR B 36 4.54 9.24 -1.56
N VAL B 37 5.29 9.94 -0.73
CA VAL B 37 5.26 9.78 0.72
C VAL B 37 4.52 10.97 1.29
N VAL B 38 3.29 10.76 1.74
CA VAL B 38 2.55 11.86 2.37
C VAL B 38 3.20 12.13 3.72
N ILE B 39 3.85 13.29 3.83
CA ILE B 39 4.59 13.66 5.04
C ILE B 39 3.83 14.66 5.90
N GLY B 40 2.69 15.16 5.44
CA GLY B 40 1.94 16.12 6.21
C GLY B 40 0.53 16.26 5.68
N GLU B 41 -0.35 16.76 6.56
CA GLU B 41 -1.74 16.98 6.21
C GLU B 41 -2.19 18.31 6.82
N ALA B 42 -2.82 19.15 6.00
CA ALA B 42 -3.39 20.41 6.45
C ALA B 42 -4.89 20.39 6.22
N ALA B 43 -5.64 20.88 7.21
CA ALA B 43 -7.09 20.93 7.12
C ALA B 43 -7.62 22.30 6.68
N ASN B 44 -6.74 23.30 6.55
CA ASN B 44 -7.15 24.60 6.06
C ASN B 44 -5.96 25.24 5.38
N GLY B 45 -6.20 26.41 4.79
CA GLY B 45 -5.12 27.17 4.19
C GLY B 45 -4.03 27.48 5.19
N ALA B 46 -4.32 28.37 6.15
CA ALA B 46 -3.33 28.89 7.10
C ALA B 46 -2.31 27.84 7.53
N ASP B 47 -2.79 26.65 7.93
CA ASP B 47 -1.87 25.60 8.36
C ASP B 47 -1.03 25.07 7.20
N ALA B 48 -1.55 25.15 5.97
CA ALA B 48 -0.79 24.63 4.82
C ALA B 48 0.41 25.51 4.50
N ILE B 49 0.32 26.82 4.73
CA ILE B 49 1.44 27.69 4.40
C ILE B 49 2.61 27.41 5.34
N LYS B 50 2.34 27.32 6.64
CA LYS B 50 3.43 27.16 7.61
C LYS B 50 3.92 25.72 7.68
N MET B 51 3.07 24.74 7.37
CA MET B 51 3.56 23.36 7.28
C MET B 51 4.43 23.18 6.05
N ALA B 52 4.09 23.87 4.94
CA ALA B 52 4.94 23.82 3.76
C ALA B 52 6.31 24.43 4.03
N GLU B 53 6.38 25.40 4.94
CA GLU B 53 7.69 25.92 5.35
C GLU B 53 8.39 24.95 6.29
N GLU B 54 7.64 24.23 7.12
CA GLU B 54 8.21 23.22 7.99
C GLU B 54 8.88 22.11 7.20
N LEU B 55 8.10 21.39 6.41
CA LEU B 55 8.54 20.14 5.82
C LEU B 55 9.24 20.30 4.48
N GLN B 56 9.16 21.48 3.86
CA GLN B 56 9.69 21.72 2.52
C GLN B 56 9.28 20.60 1.56
N PRO B 57 8.00 20.35 1.37
CA PRO B 57 7.58 19.22 0.54
C PRO B 57 7.90 19.45 -0.92
N ASP B 58 7.91 18.35 -1.68
CA ASP B 58 8.06 18.45 -3.12
C ASP B 58 6.75 18.73 -3.83
N LEU B 59 5.62 18.38 -3.21
CA LEU B 59 4.31 18.41 -3.86
C LEU B 59 3.25 18.64 -2.80
N ILE B 60 2.26 19.47 -3.12
CA ILE B 60 1.15 19.76 -2.22
C ILE B 60 -0.16 19.53 -2.99
N SER B 61 -1.04 18.70 -2.44
CA SER B 61 -2.38 18.52 -3.00
C SER B 61 -3.29 19.55 -2.32
N MET B 62 -3.73 20.54 -3.10
CA MET B 62 -4.31 21.76 -2.56
C MET B 62 -5.79 21.88 -2.94
N ASP B 63 -6.67 21.77 -1.95
CA ASP B 63 -8.04 22.22 -2.08
C ASP B 63 -8.06 23.75 -2.13
N ILE B 64 -9.13 24.32 -2.70
CA ILE B 64 -9.30 25.76 -2.54
C ILE B 64 -10.23 26.06 -1.38
N VAL B 65 -11.50 25.73 -1.53
CA VAL B 65 -12.51 26.06 -0.54
C VAL B 65 -12.12 25.41 0.78
N MET B 66 -11.73 26.22 1.76
CA MET B 66 -11.28 25.75 3.05
C MET B 66 -11.67 26.76 4.12
N PRO B 67 -11.86 26.32 5.37
CA PRO B 67 -12.31 27.21 6.45
C PRO B 67 -11.56 28.53 6.61
N GLU B 68 -10.26 28.50 6.88
CA GLU B 68 -9.57 29.72 7.28
C GLU B 68 -8.99 30.50 6.10
N THR B 69 -8.17 29.84 5.29
CA THR B 69 -7.58 30.46 4.11
C THR B 69 -7.91 29.59 2.90
N ASP B 70 -8.28 30.23 1.80
CA ASP B 70 -8.55 29.49 0.58
C ASP B 70 -7.26 28.87 0.04
N GLY B 71 -7.43 27.92 -0.88
CA GLY B 71 -6.26 27.27 -1.46
C GLY B 71 -5.49 28.16 -2.41
N ILE B 72 -6.17 29.09 -3.07
CA ILE B 72 -5.47 30.02 -3.96
C ILE B 72 -4.48 30.86 -3.17
N THR B 73 -4.95 31.49 -2.09
CA THR B 73 -4.07 32.31 -1.27
C THR B 73 -2.94 31.48 -0.66
N ALA B 74 -3.26 30.27 -0.19
CA ALA B 74 -2.21 29.39 0.32
C ALA B 74 -1.19 29.08 -0.77
N THR B 75 -1.64 28.75 -1.98
CA THR B 75 -0.73 28.44 -3.07
C THR B 75 0.18 29.62 -3.36
N LYS B 76 -0.45 30.76 -3.48
CA LYS B 76 0.21 32.01 -3.80
C LYS B 76 1.25 32.37 -2.72
N ALA B 77 0.87 32.20 -1.45
CA ALA B 77 1.76 32.46 -0.33
C ALA B 77 2.94 31.50 -0.32
N ILE B 78 2.70 30.24 -0.67
CA ILE B 78 3.77 29.25 -0.66
C ILE B 78 4.67 29.41 -1.88
N LYS B 79 4.10 29.81 -3.03
CA LYS B 79 4.87 29.78 -4.26
C LYS B 79 5.97 30.83 -4.25
N GLU B 80 5.63 32.13 -4.12
CA GLU B 80 6.78 33.04 -3.93
C GLU B 80 7.08 33.24 -2.47
N LYS B 81 7.02 32.18 -1.69
CA LYS B 81 7.95 31.98 -0.58
C LYS B 81 8.87 30.82 -0.88
N THR B 82 8.32 29.76 -1.50
CA THR B 82 9.06 28.55 -1.85
C THR B 82 8.60 28.08 -3.22
N PRO B 83 9.16 28.65 -4.30
CA PRO B 83 8.63 28.37 -5.64
C PRO B 83 8.89 26.96 -6.11
N GLU B 84 9.91 26.30 -5.59
CA GLU B 84 10.25 24.95 -6.01
C GLU B 84 9.16 23.93 -5.67
N ILE B 85 8.32 24.23 -4.69
CA ILE B 85 7.24 23.31 -4.30
C ILE B 85 6.22 23.29 -5.45
N LYS B 86 6.08 22.14 -6.09
CA LYS B 86 5.01 21.96 -7.06
C LYS B 86 3.67 21.90 -6.33
N ILE B 87 2.72 22.73 -6.74
CA ILE B 87 1.40 22.76 -6.13
C ILE B 87 0.36 22.35 -7.17
N VAL B 88 -0.48 21.38 -6.82
CA VAL B 88 -1.54 20.89 -7.68
C VAL B 88 -2.86 21.12 -6.97
N MET B 89 -3.77 21.85 -7.61
CA MET B 89 -5.09 22.03 -7.05
C MET B 89 -5.92 20.76 -7.21
N CYS B 90 -6.71 20.45 -6.18
CA CYS B 90 -7.54 19.25 -6.15
C CYS B 90 -8.84 19.63 -5.47
N THR B 91 -9.94 19.67 -6.22
CA THR B 91 -11.06 20.48 -5.77
C THR B 91 -12.31 20.20 -6.56
N SER B 92 -13.45 20.60 -5.98
CA SER B 92 -14.74 20.57 -6.63
C SER B 92 -15.04 21.83 -7.42
N VAL B 93 -14.20 22.86 -7.29
CA VAL B 93 -14.38 24.10 -8.03
C VAL B 93 -13.92 23.88 -9.48
N ASP B 94 -14.84 24.05 -10.42
CA ASP B 94 -14.52 24.00 -11.84
C ASP B 94 -14.69 25.33 -12.54
N GLN B 95 -15.12 26.37 -11.83
CA GLN B 95 -15.33 27.67 -12.48
C GLN B 95 -14.00 28.19 -13.00
N GLU B 96 -13.97 28.51 -14.30
CA GLU B 96 -12.71 28.79 -14.96
C GLU B 96 -12.00 29.99 -14.36
N GLN B 97 -12.75 30.97 -13.85
CA GLN B 97 -12.12 32.12 -13.23
C GLN B 97 -11.28 31.72 -12.02
N LYS B 98 -11.86 30.90 -11.14
CA LYS B 98 -11.10 30.40 -9.99
C LYS B 98 -9.95 29.52 -10.44
N MET B 99 -10.13 28.77 -11.52
CA MET B 99 -9.02 28.07 -12.15
C MET B 99 -7.93 29.05 -12.56
N ILE B 100 -8.31 30.10 -13.30
CA ILE B 100 -7.36 31.11 -13.76
C ILE B 100 -6.58 31.69 -12.58
N ASP B 101 -7.27 31.95 -11.48
CA ASP B 101 -6.59 32.46 -10.29
C ASP B 101 -5.60 31.45 -9.75
N ALA B 102 -5.96 30.17 -9.76
CA ALA B 102 -5.06 29.12 -9.29
C ALA B 102 -3.78 29.10 -10.12
N VAL B 103 -3.91 29.08 -11.44
CA VAL B 103 -2.74 29.05 -12.31
C VAL B 103 -1.92 30.32 -12.14
N ASN B 104 -2.58 31.46 -11.94
CA ASN B 104 -1.86 32.71 -11.76
C ASN B 104 -1.27 32.83 -10.36
N ALA B 105 -1.88 32.19 -9.38
CA ALA B 105 -1.25 32.09 -8.06
C ALA B 105 0.04 31.27 -8.10
N GLY B 106 0.26 30.51 -9.17
CA GLY B 106 1.45 29.72 -9.35
C GLY B 106 1.22 28.22 -9.45
N ALA B 107 -0.03 27.76 -9.37
CA ALA B 107 -0.29 26.32 -9.35
C ALA B 107 0.25 25.65 -10.61
N ASP B 108 0.83 24.46 -10.42
CA ASP B 108 1.41 23.70 -11.52
C ASP B 108 0.43 22.71 -12.13
N GLY B 109 -0.57 22.26 -11.36
CA GLY B 109 -1.56 21.35 -11.87
C GLY B 109 -2.93 21.69 -11.31
N TYR B 110 -3.95 21.09 -11.90
CA TYR B 110 -5.33 21.32 -11.47
C TYR B 110 -6.14 20.06 -11.69
N ILE B 111 -6.64 19.48 -10.60
CA ILE B 111 -7.54 18.35 -10.64
C ILE B 111 -8.91 18.80 -10.15
N VAL B 112 -9.96 18.41 -10.87
CA VAL B 112 -11.33 18.74 -10.51
C VAL B 112 -11.95 17.51 -9.86
N LYS B 113 -12.30 17.62 -8.54
CA LYS B 113 -12.98 16.44 -8.04
C LYS B 113 -14.48 16.52 -8.32
N PRO B 114 -15.14 15.39 -8.59
CA PRO B 114 -14.64 14.03 -8.37
C PRO B 114 -13.65 13.57 -9.42
N PHE B 115 -12.60 12.89 -8.97
CA PHE B 115 -11.53 12.48 -9.84
C PHE B 115 -11.41 10.96 -9.86
N GLN B 116 -10.74 10.47 -10.89
CA GLN B 116 -10.31 9.08 -10.94
C GLN B 116 -8.88 9.00 -10.38
N ALA B 117 -8.62 7.91 -9.65
CA ALA B 117 -7.28 7.70 -9.10
C ALA B 117 -6.17 7.76 -10.15
N PRO B 118 -6.29 7.13 -11.33
CA PRO B 118 -5.19 7.21 -12.30
C PRO B 118 -4.90 8.63 -12.77
N LYS B 119 -5.86 9.55 -12.65
CA LYS B 119 -5.62 10.92 -13.11
C LYS B 119 -4.99 11.78 -12.03
N ILE B 120 -5.26 11.49 -10.75
CA ILE B 120 -4.48 12.06 -9.66
C ILE B 120 -3.01 11.78 -9.90
N LEU B 121 -2.68 10.52 -10.22
CA LEU B 121 -1.31 10.14 -10.49
C LEU B 121 -0.79 10.73 -11.79
N GLU B 122 -1.69 11.06 -12.73
CA GLU B 122 -1.23 11.55 -14.02
C GLU B 122 -0.73 12.99 -13.94
N GLN B 123 -1.43 13.85 -13.19
CA GLN B 123 -0.88 15.16 -12.89
C GLN B 123 0.43 15.05 -12.14
N PHE B 124 0.43 14.28 -11.04
CA PHE B 124 1.60 14.18 -10.19
C PHE B 124 2.78 13.59 -10.94
N ASN B 125 2.56 12.50 -11.68
CA ASN B 125 3.64 11.91 -12.47
C ASN B 125 4.08 12.84 -13.58
N LYS B 126 3.19 13.69 -14.08
CA LYS B 126 3.60 14.65 -15.10
C LYS B 126 4.59 15.66 -14.54
N LEU B 127 4.47 16.00 -13.26
CA LEU B 127 5.39 16.95 -12.64
C LEU B 127 6.60 16.26 -12.03
N PHE B 128 6.59 14.94 -11.88
CA PHE B 128 7.74 14.18 -11.39
C PHE B 128 7.80 12.89 -12.18
N PRO B 129 8.34 12.94 -13.40
CA PRO B 129 8.23 11.80 -14.32
C PRO B 129 9.17 10.66 -13.96
N VAL B 130 8.82 9.48 -14.47
CA VAL B 130 9.67 8.31 -14.37
C VAL B 130 10.57 8.24 -15.60
N SER C 26 -2.64 -26.42 18.50
CA SER C 26 -1.54 -25.48 18.73
C SER C 26 -0.29 -25.93 17.98
N GLU C 27 0.69 -26.44 18.72
CA GLU C 27 1.80 -27.15 18.10
C GLU C 27 1.45 -28.59 17.77
N MET C 28 0.30 -29.06 18.25
CA MET C 28 -0.19 -30.38 17.87
C MET C 28 -0.32 -30.52 16.36
N ALA C 29 -0.78 -29.47 15.70
CA ALA C 29 -0.96 -29.52 14.26
C ALA C 29 0.38 -29.66 13.54
N VAL C 30 1.43 -29.02 14.06
CA VAL C 30 2.76 -29.18 13.47
C VAL C 30 3.18 -30.63 13.52
N GLU C 31 2.88 -31.33 14.62
CA GLU C 31 3.23 -32.73 14.73
C GLU C 31 2.26 -33.62 13.96
N SER C 32 0.96 -33.30 14.01
CA SER C 32 -0.02 -34.08 13.25
C SER C 32 0.31 -34.09 11.77
N TRP C 33 0.76 -32.95 11.24
CA TRP C 33 1.19 -32.87 9.84
C TRP C 33 2.70 -33.13 9.76
N SER C 34 3.04 -34.40 10.00
CA SER C 34 4.40 -34.87 9.85
C SER C 34 4.78 -34.90 8.38
N GLY C 35 6.08 -35.10 8.13
CA GLY C 35 6.60 -34.93 6.78
C GLY C 35 5.98 -35.87 5.77
N ASP C 36 5.70 -37.11 6.18
CA ASP C 36 5.22 -38.12 5.24
C ASP C 36 3.85 -37.75 4.67
N LYS C 37 2.92 -37.35 5.54
CA LYS C 37 1.59 -36.98 5.07
C LYS C 37 1.63 -35.71 4.23
N LEU C 38 2.46 -34.74 4.63
CA LEU C 38 2.46 -33.44 3.97
C LEU C 38 2.89 -33.54 2.51
N LYS C 39 3.88 -34.39 2.21
CA LYS C 39 4.45 -34.39 0.86
C LYS C 39 3.43 -34.81 -0.19
N ASN C 40 2.49 -35.69 0.17
CA ASN C 40 1.45 -36.08 -0.79
C ASN C 40 0.62 -34.87 -1.21
N GLU C 41 0.14 -34.10 -0.25
CA GLU C 41 -0.65 -32.92 -0.59
C GLU C 41 0.24 -31.81 -1.15
N VAL C 42 1.47 -31.68 -0.65
CA VAL C 42 2.33 -30.59 -1.14
C VAL C 42 2.71 -30.83 -2.60
N GLU C 43 2.98 -32.08 -2.97
CA GLU C 43 3.34 -32.36 -4.36
C GLU C 43 2.12 -32.24 -5.25
N GLN C 44 0.93 -32.40 -4.68
CA GLN C 44 -0.30 -32.13 -5.43
C GLN C 44 -0.39 -30.67 -5.82
N LEU C 45 0.04 -29.78 -4.92
CA LEU C 45 -0.19 -28.34 -5.10
C LEU C 45 0.59 -27.80 -6.29
N ALA C 46 -0.11 -27.02 -7.11
CA ALA C 46 0.49 -26.37 -8.26
C ALA C 46 1.39 -25.23 -7.80
N PRO C 47 2.40 -24.87 -8.61
CA PRO C 47 3.31 -23.78 -8.20
C PRO C 47 2.59 -22.49 -7.87
N GLU C 48 1.56 -22.15 -8.64
CA GLU C 48 0.76 -20.97 -8.31
C GLU C 48 0.09 -21.15 -6.94
N GLU C 49 -0.58 -22.29 -6.73
CA GLU C 49 -1.27 -22.53 -5.48
C GLU C 49 -0.32 -22.45 -4.29
N GLN C 50 0.93 -22.90 -4.47
CA GLN C 50 1.94 -22.69 -3.45
C GLN C 50 2.20 -21.21 -3.22
N GLU C 51 2.03 -20.37 -4.26
CA GLU C 51 2.27 -18.95 -4.12
C GLU C 51 1.13 -18.25 -3.36
N ILE C 52 -0.13 -18.66 -3.60
CA ILE C 52 -1.23 -18.08 -2.84
C ILE C 52 -1.01 -18.30 -1.35
N LEU C 53 -0.63 -19.52 -0.96
CA LEU C 53 -0.48 -19.85 0.45
C LEU C 53 0.65 -19.06 1.10
N THR C 54 1.82 -19.04 0.47
CA THR C 54 2.95 -18.29 1.01
C THR C 54 2.59 -16.81 1.18
N ALA C 55 1.84 -16.25 0.23
CA ALA C 55 1.43 -14.86 0.33
C ALA C 55 0.38 -14.67 1.42
N ILE C 56 -0.61 -15.58 1.48
CA ILE C 56 -1.64 -15.48 2.51
C ILE C 56 -1.03 -15.63 3.90
N TYR C 57 -0.04 -16.53 4.04
CA TYR C 57 0.66 -16.68 5.31
C TYR C 57 1.23 -15.35 5.78
N THR C 58 1.98 -14.68 4.91
CA THR C 58 2.66 -13.45 5.27
C THR C 58 1.69 -12.38 5.73
N GLY C 59 0.41 -12.49 5.37
CA GLY C 59 -0.58 -11.49 5.73
C GLY C 59 -1.22 -10.80 4.55
N ILE C 60 -0.68 -11.00 3.34
CA ILE C 60 -1.31 -10.44 2.15
C ILE C 60 -2.69 -11.05 1.99
N THR C 61 -3.71 -10.19 2.00
CA THR C 61 -5.09 -10.65 1.99
C THR C 61 -5.42 -11.34 0.67
N SER C 62 -6.41 -12.25 0.73
CA SER C 62 -6.88 -12.90 -0.49
C SER C 62 -7.53 -11.94 -1.46
N LEU C 63 -7.78 -10.70 -1.02
CA LEU C 63 -8.21 -9.62 -1.90
C LEU C 63 -7.07 -9.02 -2.70
N GLU C 64 -5.83 -9.34 -2.33
CA GLU C 64 -4.65 -8.60 -2.74
C GLU C 64 -3.75 -9.35 -3.71
N LEU C 65 -4.06 -10.62 -4.00
CA LEU C 65 -3.20 -11.48 -4.83
C LEU C 65 -3.25 -11.18 -6.32
N PRO C 66 -4.44 -11.07 -6.95
CA PRO C 66 -4.46 -10.95 -8.43
C PRO C 66 -3.62 -9.80 -8.95
N GLY C 67 -3.69 -8.62 -8.30
CA GLY C 67 -2.81 -7.53 -8.64
C GLY C 67 -1.34 -7.81 -8.34
N MET C 68 -1.05 -8.92 -7.67
CA MET C 68 0.33 -9.28 -7.32
C MET C 68 0.86 -10.49 -8.08
N MET C 69 -0.01 -11.31 -8.68
CA MET C 69 0.41 -12.55 -9.31
C MET C 69 0.17 -12.59 -10.82
N GLY C 70 -0.12 -11.45 -11.43
CA GLY C 70 -0.38 -11.43 -12.87
C GLY C 70 -1.56 -12.27 -13.29
N MET C 71 -2.53 -12.45 -12.40
CA MET C 71 -3.68 -13.32 -12.65
C MET C 71 -4.96 -12.52 -12.60
N ASP C 72 -5.89 -12.90 -13.46
CA ASP C 72 -7.21 -12.31 -13.41
C ASP C 72 -7.90 -12.67 -12.11
N ILE C 73 -8.79 -11.78 -11.67
CA ILE C 73 -9.39 -11.91 -10.34
C ILE C 73 -10.23 -13.17 -10.23
N ASP C 74 -10.83 -13.61 -11.34
CA ASP C 74 -11.67 -14.81 -11.29
C ASP C 74 -10.84 -16.09 -11.22
N GLU C 75 -9.66 -16.11 -11.84
CA GLU C 75 -8.78 -17.26 -11.68
C GLU C 75 -8.38 -17.44 -10.22
N VAL C 76 -7.96 -16.35 -9.58
CA VAL C 76 -7.63 -16.39 -8.16
C VAL C 76 -8.80 -16.97 -7.36
N GLU C 77 -10.01 -16.49 -7.65
CA GLU C 77 -11.18 -16.94 -6.91
C GLU C 77 -11.46 -18.42 -7.16
N LYS C 78 -11.22 -18.89 -8.39
CA LYS C 78 -11.30 -20.33 -8.65
C LYS C 78 -10.26 -21.09 -7.84
N VAL C 79 -9.02 -20.57 -7.80
CA VAL C 79 -7.96 -21.24 -7.08
C VAL C 79 -8.23 -21.23 -5.59
N LEU C 80 -8.67 -20.08 -5.06
CA LEU C 80 -9.05 -20.02 -3.65
C LEU C 80 -10.08 -21.09 -3.31
N GLU C 81 -11.14 -21.18 -4.12
CA GLU C 81 -12.21 -22.13 -3.83
C GLU C 81 -11.72 -23.57 -3.88
N LYS C 82 -10.67 -23.85 -4.65
CA LYS C 82 -10.08 -25.20 -4.61
C LYS C 82 -9.32 -25.41 -3.30
N LEU C 83 -8.53 -24.42 -2.88
CA LEU C 83 -7.79 -24.54 -1.63
C LEU C 83 -8.70 -24.56 -0.41
N ILE C 84 -9.93 -24.07 -0.53
CA ILE C 84 -10.90 -24.32 0.53
C ILE C 84 -11.48 -25.72 0.41
N ASP C 85 -11.62 -26.23 -0.81
CA ASP C 85 -12.04 -27.62 -1.00
C ASP C 85 -10.91 -28.58 -0.66
N GLN C 86 -9.68 -28.26 -1.09
CA GLN C 86 -8.52 -29.07 -0.74
C GLN C 86 -8.19 -29.02 0.74
N GLY C 87 -8.81 -28.11 1.50
CA GLY C 87 -8.64 -28.05 2.93
C GLY C 87 -7.55 -27.12 3.43
N PHE C 88 -6.80 -26.49 2.53
CA PHE C 88 -5.69 -25.63 2.95
C PHE C 88 -6.16 -24.27 3.45
N LEU C 89 -7.37 -23.86 3.10
CA LEU C 89 -7.87 -22.54 3.46
C LEU C 89 -9.26 -22.65 4.08
N ASP C 90 -9.63 -21.62 4.83
CA ASP C 90 -10.96 -21.45 5.37
C ASP C 90 -11.56 -20.14 4.88
N LEU C 91 -12.87 -20.01 5.02
CA LEU C 91 -13.59 -18.84 4.53
C LEU C 91 -13.92 -17.92 5.70
N VAL C 92 -13.12 -16.86 5.87
CA VAL C 92 -13.29 -15.95 7.00
C VAL C 92 -14.54 -15.09 6.75
N ARG C 93 -14.52 -14.23 5.74
CA ARG C 93 -15.78 -13.66 5.28
C ARG C 93 -15.75 -13.56 3.76
N ILE C 94 -16.88 -13.12 3.22
CA ILE C 94 -17.12 -13.00 1.79
C ILE C 94 -17.20 -11.53 1.45
N ARG C 95 -16.46 -11.10 0.43
CA ARG C 95 -16.27 -9.69 0.14
C ARG C 95 -16.92 -9.32 -1.18
N LYS C 96 -17.54 -8.14 -1.20
CA LYS C 96 -18.29 -7.66 -2.35
C LYS C 96 -17.43 -6.71 -3.17
N GLU C 97 -17.30 -6.99 -4.47
CA GLU C 97 -16.67 -6.07 -5.42
C GLU C 97 -17.80 -5.29 -6.09
N THR C 98 -17.92 -4.01 -5.75
CA THR C 98 -19.05 -3.20 -6.21
C THR C 98 -18.54 -1.98 -6.97
N ASP C 99 -19.22 -1.66 -8.07
CA ASP C 99 -18.97 -0.48 -8.87
C ASP C 99 -20.18 0.43 -8.86
N LEU C 100 -19.93 1.70 -9.17
CA LEU C 100 -21.01 2.69 -9.19
C LEU C 100 -21.94 2.45 -10.37
N THR C 101 -23.24 2.42 -10.09
CA THR C 101 -24.22 2.59 -11.16
C THR C 101 -24.17 4.04 -11.65
N GLU C 102 -24.75 4.28 -12.82
CA GLU C 102 -24.81 5.64 -13.32
C GLU C 102 -25.66 6.53 -12.44
N LYS C 103 -26.60 5.94 -11.70
CA LYS C 103 -27.21 6.65 -10.58
C LYS C 103 -26.14 7.08 -9.59
N GLY C 104 -25.47 6.11 -8.97
CA GLY C 104 -24.43 6.43 -7.99
C GLY C 104 -23.32 7.32 -8.53
N ARG C 105 -23.01 7.19 -9.83
CA ARG C 105 -22.05 8.12 -10.44
C ARG C 105 -22.59 9.54 -10.41
N ALA C 106 -23.90 9.71 -10.60
CA ALA C 106 -24.49 11.03 -10.54
C ALA C 106 -24.59 11.53 -9.10
N VAL C 107 -24.92 10.64 -8.16
CA VAL C 107 -24.99 11.03 -6.75
C VAL C 107 -23.65 11.56 -6.28
N THR C 108 -22.57 10.85 -6.60
CA THR C 108 -21.23 11.29 -6.22
C THR C 108 -20.95 12.70 -6.73
N ASN C 109 -21.29 12.97 -8.00
CA ASN C 109 -21.12 14.30 -8.56
C ASN C 109 -22.03 15.33 -7.90
N PHE C 110 -23.13 14.90 -7.27
CA PHE C 110 -23.98 15.84 -6.56
C PHE C 110 -23.44 16.14 -5.17
N ILE C 111 -22.90 15.13 -4.47
CA ILE C 111 -22.42 15.30 -3.11
C ILE C 111 -20.94 15.60 -3.05
N ILE C 112 -20.28 15.82 -4.19
CA ILE C 112 -18.84 16.07 -4.19
C ILE C 112 -18.52 17.32 -3.39
N THR C 113 -19.43 18.30 -3.39
CA THR C 113 -19.22 19.53 -2.64
C THR C 113 -19.06 19.28 -1.14
N ASN C 114 -19.55 18.14 -0.63
CA ASN C 114 -19.39 17.82 0.78
C ASN C 114 -17.93 17.52 1.14
N PHE C 115 -17.09 17.27 0.14
CA PHE C 115 -15.69 16.95 0.40
C PHE C 115 -14.77 17.99 -0.25
N GLY D 35 -37.32 12.00 -10.32
CA GLY D 35 -36.64 13.18 -9.82
C GLY D 35 -36.78 13.37 -8.33
N ASP D 36 -38.00 13.22 -7.82
CA ASP D 36 -38.23 13.39 -6.39
C ASP D 36 -37.68 12.22 -5.59
N LYS D 37 -37.77 11.01 -6.14
CA LYS D 37 -37.29 9.83 -5.43
C LYS D 37 -35.80 9.92 -5.15
N LEU D 38 -35.03 10.43 -6.11
CA LEU D 38 -33.58 10.47 -5.96
C LEU D 38 -33.15 11.46 -4.88
N LYS D 39 -33.78 12.63 -4.83
CA LYS D 39 -33.37 13.65 -3.87
C LYS D 39 -33.70 13.23 -2.44
N ASN D 40 -34.84 12.55 -2.24
CA ASN D 40 -35.12 11.99 -0.93
C ASN D 40 -34.10 10.90 -0.59
N GLU D 41 -33.68 10.12 -1.59
CA GLU D 41 -32.64 9.12 -1.37
C GLU D 41 -31.30 9.79 -1.05
N VAL D 42 -30.93 10.80 -1.83
CA VAL D 42 -29.67 11.51 -1.59
C VAL D 42 -29.69 12.15 -0.21
N GLU D 43 -30.83 12.68 0.19
CA GLU D 43 -30.91 13.29 1.52
C GLU D 43 -30.89 12.23 2.61
N GLN D 44 -31.51 11.09 2.36
CA GLN D 44 -31.49 10.00 3.34
C GLN D 44 -30.18 9.23 3.36
N LEU D 45 -29.21 9.64 2.55
CA LEU D 45 -27.93 8.94 2.43
C LEU D 45 -26.99 9.48 3.50
N ALA D 46 -26.74 8.70 4.55
CA ALA D 46 -25.94 9.16 5.66
C ALA D 46 -24.49 9.39 5.23
N PRO D 47 -23.71 10.15 6.03
CA PRO D 47 -22.31 10.45 5.61
C PRO D 47 -21.51 9.23 5.21
N GLU D 48 -21.54 8.17 6.03
CA GLU D 48 -20.83 6.94 5.71
C GLU D 48 -21.11 6.48 4.28
N GLU D 49 -22.38 6.53 3.87
CA GLU D 49 -22.73 6.11 2.52
C GLU D 49 -22.22 7.10 1.48
N GLN D 50 -22.26 8.39 1.79
CA GLN D 50 -21.67 9.39 0.90
C GLN D 50 -20.17 9.17 0.75
N GLU D 51 -19.50 8.85 1.86
CA GLU D 51 -18.06 8.62 1.80
C GLU D 51 -17.74 7.38 0.98
N ILE D 52 -18.48 6.28 1.19
CA ILE D 52 -18.30 5.08 0.38
C ILE D 52 -18.40 5.44 -1.11
N LEU D 53 -19.57 5.94 -1.53
CA LEU D 53 -19.79 6.26 -2.94
C LEU D 53 -18.66 7.10 -3.52
N THR D 54 -18.20 8.11 -2.76
CA THR D 54 -17.08 8.93 -3.21
C THR D 54 -15.81 8.09 -3.37
N ALA D 55 -15.62 7.11 -2.50
CA ALA D 55 -14.40 6.29 -2.56
C ALA D 55 -14.39 5.42 -3.81
N ILE D 56 -15.50 4.75 -4.12
CA ILE D 56 -15.52 3.88 -5.29
C ILE D 56 -15.37 4.68 -6.58
N TYR D 57 -15.92 5.90 -6.63
CA TYR D 57 -15.73 6.72 -7.82
C TYR D 57 -14.26 6.95 -8.10
N THR D 58 -13.50 7.31 -7.05
CA THR D 58 -12.08 7.60 -7.24
C THR D 58 -11.33 6.40 -7.76
N GLY D 59 -11.79 5.19 -7.44
CA GLY D 59 -11.15 3.98 -7.91
C GLY D 59 -10.86 3.03 -6.79
N ILE D 60 -11.12 3.47 -5.55
CA ILE D 60 -10.85 2.63 -4.39
C ILE D 60 -11.77 1.42 -4.45
N THR D 61 -11.17 0.24 -4.52
CA THR D 61 -11.97 -0.98 -4.54
C THR D 61 -12.78 -1.10 -3.27
N SER D 62 -13.92 -1.78 -3.35
CA SER D 62 -14.77 -1.96 -2.18
C SER D 62 -14.08 -2.75 -1.07
N LEU D 63 -12.87 -3.25 -1.32
CA LEU D 63 -12.21 -4.13 -0.35
C LEU D 63 -11.45 -3.33 0.71
N GLU D 64 -10.69 -2.31 0.32
CA GLU D 64 -9.94 -1.52 1.30
C GLU D 64 -10.73 -0.33 1.84
N LEU D 65 -12.06 -0.35 1.69
CA LEU D 65 -12.89 0.66 2.34
C LEU D 65 -12.85 0.59 3.86
N PRO D 66 -12.93 -0.57 4.52
CA PRO D 66 -12.99 -0.57 5.99
C PRO D 66 -11.81 0.12 6.65
N GLY D 67 -10.58 -0.15 6.19
CA GLY D 67 -9.42 0.50 6.79
C GLY D 67 -9.36 1.99 6.55
N MET D 68 -10.10 2.49 5.57
CA MET D 68 -10.16 3.92 5.26
C MET D 68 -11.18 4.66 6.09
N MET D 69 -12.14 3.96 6.68
CA MET D 69 -13.19 4.59 7.46
C MET D 69 -13.18 4.18 8.93
N GLY D 70 -12.17 3.42 9.36
CA GLY D 70 -12.14 2.94 10.74
C GLY D 70 -13.32 2.07 11.11
N MET D 71 -13.83 1.28 10.17
CA MET D 71 -15.07 0.55 10.35
C MET D 71 -14.86 -0.95 10.23
N ASP D 72 -15.73 -1.71 10.89
CA ASP D 72 -15.67 -3.16 10.82
C ASP D 72 -15.96 -3.63 9.40
N ILE D 73 -15.25 -4.67 8.98
CA ILE D 73 -15.43 -5.17 7.61
C ILE D 73 -16.85 -5.66 7.41
N ASP D 74 -17.45 -6.25 8.44
CA ASP D 74 -18.81 -6.77 8.31
C ASP D 74 -19.82 -5.64 8.20
N GLU D 75 -19.61 -4.54 8.92
CA GLU D 75 -20.54 -3.41 8.86
C GLU D 75 -20.50 -2.76 7.48
N VAL D 76 -19.31 -2.52 6.94
CA VAL D 76 -19.17 -1.91 5.63
C VAL D 76 -19.88 -2.76 4.57
N GLU D 77 -19.76 -4.09 4.69
CA GLU D 77 -20.39 -4.97 3.71
C GLU D 77 -21.91 -4.89 3.77
N LYS D 78 -22.48 -4.65 4.94
CA LYS D 78 -23.93 -4.46 5.03
C LYS D 78 -24.34 -3.13 4.43
N VAL D 79 -23.48 -2.11 4.53
CA VAL D 79 -23.77 -0.83 3.88
C VAL D 79 -23.69 -0.99 2.37
N LEU D 80 -22.70 -1.73 1.87
CA LEU D 80 -22.65 -2.07 0.45
C LEU D 80 -23.94 -2.76 0.02
N GLU D 81 -24.40 -3.73 0.82
CA GLU D 81 -25.65 -4.41 0.51
C GLU D 81 -26.83 -3.44 0.56
N LYS D 82 -26.75 -2.41 1.40
CA LYS D 82 -27.81 -1.41 1.40
C LYS D 82 -27.79 -0.59 0.11
N LEU D 83 -26.60 -0.28 -0.40
CA LEU D 83 -26.49 0.59 -1.56
C LEU D 83 -26.61 -0.15 -2.90
N ILE D 84 -26.49 -1.47 -2.90
CA ILE D 84 -26.84 -2.22 -4.11
C ILE D 84 -28.36 -2.30 -4.26
N ASP D 85 -29.06 -2.55 -3.15
CA ASP D 85 -30.51 -2.68 -3.20
C ASP D 85 -31.16 -1.35 -3.58
N GLN D 86 -30.65 -0.25 -3.04
CA GLN D 86 -31.16 1.07 -3.40
C GLN D 86 -30.61 1.56 -4.74
N GLY D 87 -29.78 0.77 -5.42
CA GLY D 87 -29.36 1.07 -6.76
C GLY D 87 -28.17 1.99 -6.90
N PHE D 88 -27.51 2.35 -5.80
CA PHE D 88 -26.31 3.17 -5.91
C PHE D 88 -25.09 2.37 -6.34
N LEU D 89 -25.10 1.05 -6.13
CA LEU D 89 -23.96 0.21 -6.44
C LEU D 89 -24.43 -1.04 -7.16
N ASP D 90 -23.53 -1.62 -7.97
CA ASP D 90 -23.76 -2.89 -8.64
C ASP D 90 -22.74 -3.90 -8.14
N LEU D 91 -23.20 -5.09 -7.81
CA LEU D 91 -22.31 -6.17 -7.38
C LEU D 91 -21.59 -6.71 -8.61
N VAL D 92 -20.33 -6.29 -8.78
CA VAL D 92 -19.54 -6.69 -9.94
C VAL D 92 -19.05 -8.12 -9.81
N ARG D 93 -18.51 -8.43 -8.64
CA ARG D 93 -17.76 -9.66 -8.44
C ARG D 93 -17.86 -9.99 -6.96
N ILE D 94 -17.96 -11.28 -6.64
CA ILE D 94 -17.99 -11.71 -5.25
C ILE D 94 -16.65 -12.38 -4.96
N ARG D 95 -15.94 -11.86 -3.97
CA ARG D 95 -14.59 -12.30 -3.67
C ARG D 95 -14.51 -12.79 -2.23
N LYS D 96 -13.68 -13.79 -2.01
CA LYS D 96 -13.63 -14.50 -0.74
C LYS D 96 -12.36 -14.11 0.01
N GLU D 97 -12.49 -13.78 1.30
CA GLU D 97 -11.31 -13.58 2.12
C GLU D 97 -11.06 -14.82 2.96
N THR D 98 -9.82 -15.27 2.95
CA THR D 98 -9.46 -16.58 3.44
C THR D 98 -8.30 -16.50 4.42
N ASP D 99 -8.24 -17.52 5.27
CA ASP D 99 -7.19 -17.68 6.25
C ASP D 99 -6.66 -19.10 6.16
N LEU D 100 -5.37 -19.27 6.41
CA LEU D 100 -4.76 -20.59 6.30
C LEU D 100 -5.27 -21.52 7.39
N THR D 101 -5.56 -22.76 7.01
CA THR D 101 -5.74 -23.81 7.99
C THR D 101 -4.38 -24.20 8.56
N GLU D 102 -4.41 -24.99 9.64
CA GLU D 102 -3.16 -25.53 10.17
C GLU D 102 -2.50 -26.43 9.15
N LYS D 103 -3.29 -27.12 8.32
CA LYS D 103 -2.76 -27.74 7.11
C LYS D 103 -2.04 -26.71 6.26
N GLY D 104 -2.69 -25.57 6.01
CA GLY D 104 -2.09 -24.54 5.17
C GLY D 104 -0.75 -24.07 5.70
N ARG D 105 -0.69 -23.69 6.97
CA ARG D 105 0.56 -23.22 7.54
C ARG D 105 1.64 -24.30 7.52
N ALA D 106 1.25 -25.56 7.69
CA ALA D 106 2.22 -26.66 7.60
C ALA D 106 2.79 -26.75 6.19
N VAL D 107 1.93 -26.65 5.17
CA VAL D 107 2.40 -26.70 3.80
C VAL D 107 3.30 -25.51 3.49
N THR D 108 2.87 -24.31 3.92
CA THR D 108 3.70 -23.12 3.70
C THR D 108 5.07 -23.30 4.35
N ASN D 109 5.11 -23.81 5.58
CA ASN D 109 6.37 -24.06 6.25
C ASN D 109 7.23 -25.04 5.46
N PHE D 110 6.61 -26.01 4.79
CA PHE D 110 7.36 -26.96 4.00
C PHE D 110 7.83 -26.35 2.68
N ILE D 111 6.94 -25.66 1.96
CA ILE D 111 7.28 -25.15 0.63
C ILE D 111 8.16 -23.92 0.63
N ILE D 112 8.52 -23.39 1.80
CA ILE D 112 9.07 -22.05 1.86
C ILE D 112 10.45 -21.97 1.18
N THR D 113 11.18 -23.08 1.14
CA THR D 113 12.50 -23.04 0.49
C THR D 113 12.40 -22.84 -1.02
N ASN D 114 11.22 -23.00 -1.60
CA ASN D 114 10.99 -22.60 -2.99
C ASN D 114 10.88 -21.10 -3.16
N PHE D 115 10.91 -20.34 -2.06
CA PHE D 115 10.78 -18.89 -2.10
C PHE D 115 11.89 -18.21 -1.31
#